data_6ZX1
#
_entry.id   6ZX1
#
_cell.length_a   77.670
_cell.length_b   116.570
_cell.length_c   61.970
_cell.angle_alpha   90.000
_cell.angle_beta   90.000
_cell.angle_gamma   90.000
#
_symmetry.space_group_name_H-M   'C 2 2 21'
#
loop_
_entity.id
_entity.type
_entity.pdbx_description
1 polymer "Uridine 5'-monophosphate synthase"
2 non-polymer "6-AZA URIDINE 5'-MONOPHOSPHATE"
3 non-polymer PROLINE
4 non-polymer 'SULFATE ION'
5 water water
#
_entity_poly.entity_id   1
_entity_poly.type   'polypeptide(L)'
_entity_poly.pdbx_seq_one_letter_code
;GAMELSFGARAELPRIHPVASKLLRLMQKKETNLCLSADVSLARELLQLADALGPSICMLKTHVDILNDFTLDVMKELIT
LAK(CSS)HEFLIFEDRKFADIGNTVKKQYEGGIFKIASWADLVNAHVVPGSGVVKGLQEVGLPLHRGCLLIAEMSSTGS
LATGDYTRAAVRMAEEHSEFVVGFISGSRVSMKPEFLHLTPGVQLEAGGDNLGQQYNSPQEVIGKRGSDIIIVGRGIISA
ADRLEAAEMYRKAAWEAYLSRLGV
;
_entity_poly.pdbx_strand_id   A
#
loop_
_chem_comp.id
_chem_comp.type
_chem_comp.name
_chem_comp.formula
SO4 non-polymer 'SULFATE ION' 'O4 S -2'
UP6 non-polymer '6-AZA URIDINE 5'-MONOPHOSPHATE' 'C8 H12 N3 O9 P'
#
# COMPACT_ATOMS: atom_id res chain seq x y z
N GLU A 4 -16.04 3.71 -14.79
N GLU A 4 -16.30 3.70 -14.69
CA GLU A 4 -15.38 3.54 -13.48
CA GLU A 4 -15.53 3.70 -13.41
C GLU A 4 -16.38 2.89 -12.52
C GLU A 4 -16.34 3.06 -12.29
N LEU A 5 -15.88 1.92 -11.78
CA LEU A 5 -16.62 1.15 -10.77
C LEU A 5 -16.24 1.63 -9.38
N SER A 6 -17.19 1.55 -8.47
CA SER A 6 -16.95 1.78 -7.04
C SER A 6 -15.93 0.78 -6.48
N PHE A 7 -15.36 1.09 -5.34
CA PHE A 7 -14.49 0.12 -4.67
C PHE A 7 -15.23 -1.19 -4.43
N GLY A 8 -16.48 -1.12 -3.99
CA GLY A 8 -17.23 -2.35 -3.68
C GLY A 8 -17.44 -3.20 -4.93
N ALA A 9 -17.70 -2.59 -6.07
CA ALA A 9 -17.84 -3.34 -7.33
C ALA A 9 -16.48 -3.87 -7.78
N ARG A 10 -15.42 -3.09 -7.62
CA ARG A 10 -14.07 -3.59 -8.01
C ARG A 10 -13.72 -4.83 -7.20
N ALA A 11 -14.17 -4.89 -5.95
CA ALA A 11 -13.91 -6.04 -5.08
C ALA A 11 -14.47 -7.34 -5.68
N GLU A 12 -15.32 -7.26 -6.71
N GLU A 12 -15.54 -7.23 -6.45
CA GLU A 12 -15.98 -8.45 -7.31
CA GLU A 12 -16.25 -8.41 -6.97
C GLU A 12 -15.45 -8.74 -8.71
C GLU A 12 -15.73 -8.77 -8.34
N LEU A 13 -14.52 -7.96 -9.21
N LEU A 13 -14.78 -8.01 -8.88
CA LEU A 13 -14.08 -8.19 -10.60
CA LEU A 13 -14.27 -8.27 -10.24
C LEU A 13 -13.58 -9.62 -10.77
C LEU A 13 -13.77 -9.70 -10.32
N PRO A 14 -13.83 -10.23 -11.94
N PRO A 14 -13.96 -10.35 -11.49
CA PRO A 14 -13.42 -11.63 -12.16
CA PRO A 14 -13.50 -11.73 -11.70
C PRO A 14 -11.97 -11.93 -11.74
C PRO A 14 -11.98 -11.91 -11.84
N ARG A 15 -11.05 -11.07 -12.13
N ARG A 15 -11.20 -10.86 -12.13
CA ARG A 15 -9.60 -11.31 -11.96
CA ARG A 15 -9.72 -10.97 -12.14
C ARG A 15 -9.08 -10.69 -10.66
C ARG A 15 -9.13 -10.45 -10.81
N ILE A 16 -9.96 -10.19 -9.79
CA ILE A 16 -9.48 -9.57 -8.54
C ILE A 16 -8.68 -10.59 -7.72
N HIS A 17 -7.60 -10.11 -7.12
CA HIS A 17 -6.87 -10.92 -6.13
C HIS A 17 -7.62 -10.93 -4.80
N PRO A 18 -7.65 -12.05 -4.07
CA PRO A 18 -8.38 -12.07 -2.81
C PRO A 18 -7.97 -11.00 -1.80
N VAL A 19 -6.69 -10.63 -1.75
CA VAL A 19 -6.26 -9.60 -0.78
C VAL A 19 -6.80 -8.25 -1.22
N ALA A 20 -6.74 -7.98 -2.52
CA ALA A 20 -7.32 -6.74 -3.08
C ALA A 20 -8.82 -6.70 -2.80
N SER A 21 -9.51 -7.82 -2.97
CA SER A 21 -10.97 -7.85 -2.75
C SER A 21 -11.28 -7.54 -1.29
N LYS A 22 -10.57 -8.16 -0.37
CA LYS A 22 -10.78 -7.90 1.08
C LYS A 22 -10.59 -6.41 1.35
N LEU A 23 -9.53 -5.83 0.81
CA LEU A 23 -9.21 -4.41 1.02
C LEU A 23 -10.33 -3.54 0.45
N LEU A 24 -10.72 -3.78 -0.79
CA LEU A 24 -11.73 -2.92 -1.44
C LEU A 24 -13.06 -3.01 -0.69
N ARG A 25 -13.42 -4.19 -0.21
N ARG A 25 -13.43 -4.21 -0.24
CA ARG A 25 -14.69 -4.33 0.55
CA ARG A 25 -14.68 -4.38 0.55
C ARG A 25 -14.63 -3.55 1.86
C ARG A 25 -14.61 -3.53 1.83
N LEU A 26 -13.51 -3.56 2.57
CA LEU A 26 -13.46 -2.82 3.86
C LEU A 26 -13.34 -1.31 3.58
N MET A 27 -12.72 -0.92 2.48
CA MET A 27 -12.69 0.51 2.08
C MET A 27 -14.12 1.02 1.90
N GLN A 28 -14.91 0.28 1.15
N GLN A 28 -14.95 0.28 1.17
CA GLN A 28 -16.32 0.64 0.87
CA GLN A 28 -16.34 0.76 0.89
C GLN A 28 -17.10 0.65 2.20
C GLN A 28 -17.19 0.63 2.16
N LYS A 29 -16.96 -0.39 3.00
CA LYS A 29 -17.75 -0.54 4.26
C LYS A 29 -17.46 0.63 5.20
N LYS A 30 -16.20 0.98 5.33
CA LYS A 30 -15.74 1.97 6.35
C LYS A 30 -15.64 3.39 5.78
N GLU A 31 -15.84 3.55 4.49
N GLU A 31 -15.84 3.55 4.47
CA GLU A 31 -15.67 4.86 3.82
CA GLU A 31 -15.71 4.85 3.75
C GLU A 31 -14.27 5.39 4.16
C GLU A 31 -14.31 5.43 3.98
N THR A 32 -13.29 4.58 3.90
CA THR A 32 -11.88 5.04 4.01
C THR A 32 -11.00 4.47 2.91
N ASN A 33 -10.22 5.37 2.33
CA ASN A 33 -9.14 5.06 1.37
C ASN A 33 -7.84 5.69 1.88
N LEU A 34 -7.69 5.71 3.20
CA LEU A 34 -6.47 6.22 3.87
C LEU A 34 -5.64 5.07 4.38
N CYS A 35 -4.36 5.10 4.03
CA CYS A 35 -3.32 4.21 4.59
C CYS A 35 -2.45 5.04 5.53
N LEU A 36 -2.47 4.72 6.81
CA LEU A 36 -1.58 5.38 7.78
C LEU A 36 -0.17 4.85 7.57
N SER A 37 0.80 5.74 7.40
CA SER A 37 2.23 5.39 7.39
C SER A 37 2.73 5.55 8.82
N ALA A 38 2.76 4.45 9.58
CA ALA A 38 3.02 4.48 11.03
C ALA A 38 4.52 4.54 11.30
N ASP A 39 5.11 5.68 10.96
CA ASP A 39 6.58 5.83 10.95
C ASP A 39 7.06 6.27 12.33
N VAL A 40 7.04 5.32 13.24
CA VAL A 40 7.41 5.51 14.66
C VAL A 40 8.43 4.44 15.03
N SER A 41 9.15 4.71 16.11
CA SER A 41 10.23 3.79 16.55
CA SER A 41 10.27 3.86 16.60
C SER A 41 9.84 2.97 17.77
N LEU A 42 8.71 3.26 18.42
N LEU A 42 8.66 3.20 18.35
CA LEU A 42 8.26 2.52 19.62
CA LEU A 42 8.26 2.60 19.64
C LEU A 42 7.06 1.66 19.31
C LEU A 42 7.03 1.71 19.43
N ALA A 43 7.13 0.41 19.75
CA ALA A 43 6.00 -0.52 19.65
C ALA A 43 4.76 0.06 20.30
N ARG A 44 4.88 0.65 21.49
CA ARG A 44 3.66 1.12 22.17
C ARG A 44 3.00 2.22 21.33
N GLU A 45 3.78 3.11 20.72
CA GLU A 45 3.18 4.18 19.90
C GLU A 45 2.54 3.58 18.65
N LEU A 46 3.21 2.61 18.02
CA LEU A 46 2.62 1.91 16.85
C LEU A 46 1.26 1.32 17.21
N LEU A 47 1.21 0.60 18.33
N LEU A 47 1.18 0.60 18.33
CA LEU A 47 -0.04 -0.10 18.71
CA LEU A 47 -0.06 -0.13 18.70
C LEU A 47 -1.10 0.92 19.16
C LEU A 47 -1.14 0.89 19.10
N GLN A 48 -0.73 1.96 19.86
CA GLN A 48 -1.73 2.97 20.28
C GLN A 48 -2.25 3.71 19.04
N LEU A 49 -1.42 3.98 18.06
N LEU A 49 -1.44 4.01 18.07
CA LEU A 49 -1.94 4.60 16.81
CA LEU A 49 -1.90 4.61 16.78
C LEU A 49 -2.85 3.60 16.08
C LEU A 49 -2.83 3.62 16.08
N ALA A 50 -2.43 2.34 15.97
CA ALA A 50 -3.25 1.35 15.26
C ALA A 50 -4.63 1.22 15.90
N ASP A 51 -4.69 1.22 17.22
CA ASP A 51 -5.98 1.05 17.91
C ASP A 51 -6.86 2.29 17.70
N ALA A 52 -6.31 3.48 17.93
CA ALA A 52 -7.12 4.71 17.89
C ALA A 52 -7.52 5.05 16.45
N LEU A 53 -6.62 4.84 15.50
CA LEU A 53 -6.86 5.25 14.10
C LEU A 53 -7.42 4.09 13.28
N GLY A 54 -7.44 2.88 13.83
CA GLY A 54 -7.91 1.71 13.07
C GLY A 54 -9.25 1.93 12.37
N PRO A 55 -10.27 2.51 13.06
CA PRO A 55 -11.55 2.73 12.40
C PRO A 55 -11.51 3.68 11.21
N SER A 56 -10.49 4.53 11.15
CA SER A 56 -10.36 5.60 10.13
C SER A 56 -9.57 5.15 8.90
N ILE A 57 -8.92 3.97 8.95
CA ILE A 57 -7.93 3.60 7.92
C ILE A 57 -8.34 2.29 7.24
N CYS A 58 -7.92 2.15 6.00
CA CYS A 58 -8.07 0.86 5.28
C CYS A 58 -6.82 0.01 5.43
N MET A 59 -5.73 0.61 5.89
CA MET A 59 -4.40 -0.03 5.82
C MET A 59 -3.49 0.71 6.78
N LEU A 60 -2.58 -0.04 7.35
CA LEU A 60 -1.49 0.50 8.19
C LEU A 60 -0.21 0.01 7.56
N LYS A 61 0.63 0.96 7.17
CA LYS A 61 1.93 0.69 6.53
C LYS A 61 3.02 0.79 7.59
N THR A 62 3.82 -0.26 7.68
CA THR A 62 4.93 -0.35 8.66
C THR A 62 6.28 -0.19 7.98
N HIS A 63 7.23 0.22 8.80
CA HIS A 63 8.67 -0.01 8.56
C HIS A 63 9.19 -0.75 9.77
N VAL A 64 9.07 -2.06 9.85
N VAL A 64 9.10 -2.07 9.70
CA VAL A 64 9.44 -2.67 11.15
CA VAL A 64 9.43 -2.95 10.86
C VAL A 64 10.94 -2.58 11.39
C VAL A 64 10.89 -2.71 11.29
N ASP A 65 11.75 -2.35 10.36
CA ASP A 65 13.19 -2.20 10.59
C ASP A 65 13.56 -0.86 11.24
N ILE A 66 12.58 -0.03 11.57
N ILE A 66 12.60 -0.01 11.57
CA ILE A 66 12.82 1.22 12.35
CA ILE A 66 12.90 1.20 12.39
C ILE A 66 12.26 1.06 13.76
C ILE A 66 12.34 1.02 13.80
N LEU A 67 11.59 -0.04 14.10
N LEU A 67 11.64 -0.07 14.09
CA LEU A 67 11.16 -0.22 15.50
CA LEU A 67 11.02 -0.30 15.41
C LEU A 67 12.36 -0.55 16.34
C LEU A 67 12.10 -0.74 16.43
N ASN A 68 12.48 0.14 17.40
CA ASN A 68 13.61 -0.12 18.31
C ASN A 68 13.35 -1.38 19.12
N ASP A 69 12.09 -1.68 19.37
CA ASP A 69 11.67 -2.78 20.28
C ASP A 69 10.77 -3.77 19.52
N PHE A 70 11.07 -4.01 18.25
N PHE A 70 11.11 -4.01 18.26
CA PHE A 70 10.38 -5.06 17.47
CA PHE A 70 10.44 -5.07 17.48
C PHE A 70 10.51 -6.39 18.21
C PHE A 70 10.52 -6.41 18.20
N THR A 71 9.39 -7.10 18.28
CA THR A 71 9.36 -8.56 18.51
C THR A 71 8.22 -9.12 17.66
N LEU A 72 8.21 -10.41 17.46
CA LEU A 72 7.06 -11.02 16.75
C LEU A 72 5.78 -10.87 17.56
N ASP A 73 5.88 -10.79 18.88
N ASP A 73 5.86 -10.78 18.89
CA ASP A 73 4.69 -10.57 19.74
CA ASP A 73 4.65 -10.58 19.72
C ASP A 73 4.07 -9.21 19.39
C ASP A 73 4.06 -9.19 19.47
N VAL A 74 4.87 -8.18 19.15
CA VAL A 74 4.30 -6.86 18.76
C VAL A 74 3.45 -7.06 17.52
N MET A 75 3.93 -7.84 16.56
CA MET A 75 3.17 -7.99 15.30
CA MET A 75 3.20 -8.07 15.28
C MET A 75 1.89 -8.82 15.56
N LYS A 76 1.91 -9.76 16.49
CA LYS A 76 0.69 -10.48 16.90
C LYS A 76 -0.34 -9.48 17.41
N GLU A 77 0.10 -8.54 18.25
CA GLU A 77 -0.81 -7.53 18.81
C GLU A 77 -1.32 -6.61 17.69
N LEU A 78 -0.48 -6.29 16.72
CA LEU A 78 -0.92 -5.47 15.57
C LEU A 78 -1.98 -6.21 14.77
N ILE A 79 -1.78 -7.51 14.54
CA ILE A 79 -2.77 -8.33 13.82
C ILE A 79 -4.11 -8.33 14.58
N THR A 80 -4.09 -8.43 15.90
CA THR A 80 -5.34 -8.40 16.67
C THR A 80 -6.09 -7.09 16.34
N LEU A 81 -5.38 -5.97 16.33
CA LEU A 81 -6.01 -4.66 16.04
C LEU A 81 -6.48 -4.59 14.60
N ALA A 82 -5.70 -5.11 13.66
CA ALA A 82 -6.07 -5.11 12.23
C ALA A 82 -7.37 -5.90 12.06
N LYS A 83 -7.49 -7.04 12.73
CA LYS A 83 -8.71 -7.86 12.61
C LYS A 83 -9.89 -7.14 13.25
N CSS A 84 -9.67 -6.56 14.43
CA CSS A 84 -10.73 -5.87 15.16
CB CSS A 84 -10.20 -5.42 16.49
SG CSS A 84 -11.35 -4.39 17.44
SD CSS A 84 -12.70 -5.73 18.16
C CSS A 84 -11.29 -4.72 14.35
O CSS A 84 -12.50 -4.60 14.16
N HIS A 85 -10.40 -3.83 13.91
CA HIS A 85 -10.81 -2.59 13.27
C HIS A 85 -11.00 -2.75 11.77
N GLU A 86 -10.54 -3.84 11.19
N GLU A 86 -10.49 -3.84 11.21
CA GLU A 86 -10.64 -4.16 9.75
CA GLU A 86 -10.60 -4.23 9.78
C GLU A 86 -9.73 -3.24 8.94
C GLU A 86 -9.75 -3.31 8.91
N PHE A 87 -8.44 -3.53 8.96
CA PHE A 87 -7.49 -2.89 8.03
C PHE A 87 -6.42 -3.91 7.70
N LEU A 88 -5.77 -3.71 6.56
CA LEU A 88 -4.64 -4.57 6.16
C LEU A 88 -3.33 -4.02 6.71
N ILE A 89 -2.36 -4.91 6.88
CA ILE A 89 -1.00 -4.54 7.29
C ILE A 89 -0.12 -4.63 6.05
N PHE A 90 0.57 -3.53 5.76
CA PHE A 90 1.47 -3.41 4.58
C PHE A 90 2.88 -3.11 5.08
N GLU A 91 3.79 -4.07 4.98
CA GLU A 91 5.19 -3.81 5.37
C GLU A 91 5.89 -3.20 4.14
N ASP A 92 6.33 -1.95 4.31
CA ASP A 92 6.96 -1.15 3.23
C ASP A 92 8.45 -1.46 3.20
N ARG A 93 8.76 -2.69 2.83
CA ARG A 93 10.13 -3.21 2.84
C ARG A 93 10.86 -2.86 1.54
N LYS A 94 10.15 -2.56 0.46
CA LYS A 94 10.80 -2.20 -0.82
C LYS A 94 11.85 -3.26 -1.17
N PHE A 95 11.42 -4.52 -1.23
CA PHE A 95 12.32 -5.58 -1.71
C PHE A 95 12.90 -5.17 -3.04
N ALA A 96 14.20 -5.44 -3.25
CA ALA A 96 14.88 -4.80 -4.40
C ALA A 96 16.15 -5.58 -4.75
N ASP A 97 16.14 -6.88 -4.47
CA ASP A 97 17.29 -7.77 -4.68
C ASP A 97 16.89 -8.82 -5.71
N ILE A 98 17.85 -9.69 -6.03
CA ILE A 98 17.55 -10.82 -6.90
C ILE A 98 16.56 -11.76 -6.19
N GLY A 99 15.85 -12.52 -7.01
CA GLY A 99 14.80 -13.41 -6.50
C GLY A 99 15.26 -14.34 -5.40
N ASN A 100 16.45 -14.94 -5.55
CA ASN A 100 16.91 -15.92 -4.56
C ASN A 100 17.10 -15.26 -3.19
N THR A 101 17.53 -14.00 -3.17
CA THR A 101 17.74 -13.29 -1.91
C THR A 101 16.41 -12.83 -1.31
N VAL A 102 15.54 -12.21 -2.12
CA VAL A 102 14.30 -11.62 -1.53
C VAL A 102 13.41 -12.71 -0.93
N LYS A 103 13.44 -13.93 -1.45
CA LYS A 103 12.56 -14.97 -0.84
C LYS A 103 12.96 -15.19 0.63
N LYS A 104 14.26 -15.19 0.92
CA LYS A 104 14.76 -15.38 2.31
C LYS A 104 14.46 -14.12 3.16
N GLN A 105 14.61 -12.94 2.57
CA GLN A 105 14.34 -11.69 3.30
C GLN A 105 12.86 -11.56 3.65
N TYR A 106 11.99 -12.16 2.84
CA TYR A 106 10.53 -12.09 3.04
C TYR A 106 10.08 -13.11 4.07
N GLU A 107 10.58 -14.34 3.99
CA GLU A 107 10.11 -15.42 4.88
C GLU A 107 10.84 -15.42 6.21
N GLY A 108 12.14 -15.11 6.21
CA GLY A 108 13.02 -15.50 7.31
C GLY A 108 13.57 -14.35 8.10
N GLY A 109 14.77 -14.55 8.61
CA GLY A 109 15.42 -13.61 9.50
C GLY A 109 14.61 -13.37 10.75
N ILE A 110 14.90 -12.28 11.43
CA ILE A 110 14.24 -11.91 12.72
CA ILE A 110 14.20 -12.04 12.72
C ILE A 110 12.80 -11.49 12.44
N PHE A 111 12.55 -10.84 11.31
CA PHE A 111 11.23 -10.18 11.13
C PHE A 111 10.14 -11.15 10.68
N LYS A 112 10.48 -12.21 9.97
CA LYS A 112 9.48 -13.13 9.39
C LYS A 112 8.32 -12.32 8.79
N ILE A 113 8.64 -11.43 7.86
CA ILE A 113 7.63 -10.49 7.33
C ILE A 113 6.40 -11.21 6.78
N ALA A 114 6.60 -12.27 6.02
CA ALA A 114 5.47 -12.95 5.35
C ALA A 114 4.47 -13.50 6.37
N SER A 115 4.90 -13.76 7.59
CA SER A 115 4.02 -14.36 8.62
CA SER A 115 4.03 -14.37 8.63
C SER A 115 2.95 -13.37 9.09
N TRP A 116 3.18 -12.07 8.95
CA TRP A 116 2.23 -11.07 9.52
C TRP A 116 1.82 -10.00 8.51
N ALA A 117 2.52 -9.79 7.40
CA ALA A 117 2.19 -8.70 6.47
C ALA A 117 1.22 -9.21 5.41
N ASP A 118 0.04 -8.62 5.32
CA ASP A 118 -0.88 -8.92 4.20
C ASP A 118 -0.25 -8.55 2.87
N LEU A 119 0.38 -7.38 2.86
CA LEU A 119 0.98 -6.77 1.67
C LEU A 119 2.44 -6.43 1.94
N VAL A 120 3.24 -6.58 0.91
CA VAL A 120 4.61 -6.02 0.83
C VAL A 120 4.73 -5.33 -0.53
N ASN A 121 5.83 -4.62 -0.70
CA ASN A 121 6.12 -3.98 -1.98
C ASN A 121 7.53 -4.33 -2.45
N ALA A 122 7.74 -4.11 -3.74
CA ALA A 122 9.03 -4.39 -4.39
C ALA A 122 9.31 -3.32 -5.41
N HIS A 123 10.58 -2.97 -5.51
CA HIS A 123 11.09 -2.25 -6.68
C HIS A 123 11.25 -3.22 -7.84
N VAL A 124 11.06 -2.69 -9.04
N VAL A 124 11.04 -2.68 -9.05
CA VAL A 124 11.10 -3.55 -10.25
CA VAL A 124 11.06 -3.46 -10.32
C VAL A 124 12.49 -3.53 -10.90
C VAL A 124 12.46 -3.50 -10.92
N VAL A 125 13.40 -2.70 -10.40
CA VAL A 125 14.76 -2.57 -11.01
C VAL A 125 15.47 -3.91 -11.19
N PRO A 126 15.33 -4.96 -10.34
CA PRO A 126 16.08 -6.19 -10.61
C PRO A 126 15.54 -7.02 -11.78
N GLY A 127 14.41 -6.64 -12.34
CA GLY A 127 13.68 -7.50 -13.28
C GLY A 127 12.73 -8.42 -12.54
N SER A 128 11.98 -9.20 -13.30
CA SER A 128 10.81 -9.93 -12.74
C SER A 128 11.22 -11.03 -11.77
N GLY A 129 12.48 -11.43 -11.70
CA GLY A 129 12.90 -12.37 -10.66
C GLY A 129 12.60 -11.88 -9.27
N VAL A 130 12.56 -10.56 -9.03
CA VAL A 130 12.22 -10.07 -7.67
C VAL A 130 10.80 -10.54 -7.33
N VAL A 131 9.88 -10.48 -8.27
CA VAL A 131 8.48 -10.90 -8.04
C VAL A 131 8.41 -12.41 -7.93
N LYS A 132 9.12 -13.11 -8.81
N LYS A 132 9.10 -13.12 -8.82
CA LYS A 132 9.10 -14.60 -8.80
CA LYS A 132 9.11 -14.60 -8.77
C LYS A 132 9.67 -15.12 -7.48
C LYS A 132 9.60 -15.06 -7.40
N GLY A 133 10.69 -14.48 -6.91
CA GLY A 133 11.22 -14.92 -5.62
C GLY A 133 10.25 -14.66 -4.50
N LEU A 134 9.67 -13.47 -4.46
CA LEU A 134 8.69 -13.16 -3.41
C LEU A 134 7.49 -14.11 -3.51
N GLN A 135 7.02 -14.37 -4.72
N GLN A 135 7.02 -14.37 -4.73
CA GLN A 135 5.77 -15.13 -4.89
CA GLN A 135 5.82 -15.20 -4.96
C GLN A 135 5.99 -16.59 -4.46
C GLN A 135 6.01 -16.59 -4.35
N GLU A 136 7.23 -17.11 -4.43
CA GLU A 136 7.48 -18.49 -3.95
CA GLU A 136 7.55 -18.47 -3.93
C GLU A 136 7.07 -18.61 -2.49
N VAL A 137 7.22 -17.55 -1.72
CA VAL A 137 6.80 -17.49 -0.30
C VAL A 137 5.35 -16.97 -0.21
N GLY A 138 5.04 -15.91 -0.94
CA GLY A 138 3.79 -15.18 -0.72
C GLY A 138 2.56 -15.90 -1.26
N LEU A 139 2.71 -16.62 -2.38
N LEU A 139 2.66 -16.57 -2.40
CA LEU A 139 1.55 -17.35 -2.98
CA LEU A 139 1.41 -17.11 -2.98
C LEU A 139 1.07 -18.43 -2.00
C LEU A 139 0.85 -18.21 -2.07
N PRO A 140 1.92 -19.29 -1.45
N PRO A 140 1.67 -19.16 -1.59
CA PRO A 140 1.43 -20.27 -0.49
CA PRO A 140 1.15 -20.19 -0.68
C PRO A 140 0.76 -19.66 0.75
C PRO A 140 0.63 -19.57 0.64
N LEU A 141 1.20 -18.45 1.12
CA LEU A 141 0.68 -17.75 2.32
C LEU A 141 -0.44 -16.78 1.95
N HIS A 142 -0.94 -16.84 0.72
CA HIS A 142 -2.13 -16.05 0.30
C HIS A 142 -1.88 -14.55 0.48
N ARG A 143 -0.65 -14.11 0.26
CA ARG A 143 -0.29 -12.69 0.41
C ARG A 143 -0.39 -11.96 -0.92
N GLY A 144 -0.27 -10.64 -0.87
CA GLY A 144 -0.19 -9.82 -2.07
C GLY A 144 1.03 -8.92 -2.07
N CYS A 145 1.33 -8.42 -3.25
CA CYS A 145 2.50 -7.54 -3.47
C CYS A 145 2.09 -6.32 -4.28
N LEU A 146 2.74 -5.20 -3.96
CA LEU A 146 2.60 -3.93 -4.69
C LEU A 146 3.92 -3.64 -5.37
N LEU A 147 3.88 -3.26 -6.64
CA LEU A 147 5.11 -2.87 -7.36
C LEU A 147 5.25 -1.36 -7.37
N ILE A 148 6.48 -0.92 -7.16
CA ILE A 148 6.78 0.53 -7.13
C ILE A 148 6.97 1.03 -8.55
N ALA A 149 5.94 1.71 -9.05
CA ALA A 149 5.93 2.24 -10.42
C ALA A 149 6.45 3.67 -10.46
N GLU A 150 6.24 4.44 -9.40
CA GLU A 150 6.69 5.84 -9.29
C GLU A 150 7.06 6.10 -7.83
N MET A 151 7.87 7.12 -7.61
CA MET A 151 8.21 7.61 -6.27
C MET A 151 7.94 9.11 -6.22
N SER A 152 7.67 9.62 -5.03
CA SER A 152 7.28 11.03 -4.84
C SER A 152 8.49 11.95 -4.65
N SER A 153 9.68 11.38 -4.54
CA SER A 153 10.87 12.13 -4.13
C SER A 153 11.54 12.81 -5.33
N THR A 154 12.24 13.88 -5.03
N THR A 154 12.20 13.93 -5.07
CA THR A 154 12.95 14.67 -6.05
CA THR A 154 12.92 14.74 -6.09
C THR A 154 14.05 13.84 -6.71
C THR A 154 14.05 13.92 -6.70
N GLY A 155 14.05 13.81 -8.03
CA GLY A 155 15.07 13.06 -8.77
C GLY A 155 14.70 11.62 -8.98
N SER A 156 13.50 11.19 -8.61
CA SER A 156 13.05 9.81 -8.86
C SER A 156 13.35 9.40 -10.30
N LEU A 157 13.90 8.19 -10.46
CA LEU A 157 14.16 7.61 -11.79
C LEU A 157 13.04 6.65 -12.18
N ALA A 158 11.99 6.55 -11.37
CA ALA A 158 10.85 5.66 -11.66
C ALA A 158 9.87 6.41 -12.56
N THR A 159 10.27 6.61 -13.82
CA THR A 159 9.55 7.44 -14.78
C THR A 159 9.57 6.74 -16.14
N GLY A 160 8.72 7.19 -17.04
CA GLY A 160 8.83 6.79 -18.45
C GLY A 160 8.82 5.28 -18.62
N ASP A 161 9.81 4.75 -19.32
CA ASP A 161 9.86 3.30 -19.63
C ASP A 161 9.99 2.47 -18.36
N TYR A 162 10.55 3.02 -17.28
CA TYR A 162 10.69 2.28 -16.02
C TYR A 162 9.29 2.03 -15.46
N THR A 163 8.46 3.06 -15.39
CA THR A 163 7.06 2.94 -14.94
C THR A 163 6.30 1.95 -15.83
N ARG A 164 6.47 2.02 -17.14
N ARG A 164 6.48 2.05 -17.15
CA ARG A 164 5.77 1.08 -18.05
CA ARG A 164 5.87 1.13 -18.14
C ARG A 164 6.24 -0.36 -17.76
C ARG A 164 6.25 -0.31 -17.78
N ALA A 165 7.52 -0.56 -17.47
CA ALA A 165 8.03 -1.91 -17.13
C ALA A 165 7.38 -2.41 -15.85
N ALA A 166 7.13 -1.54 -14.87
N ALA A 166 7.26 -1.53 -14.86
CA ALA A 166 6.46 -1.98 -13.64
CA ALA A 166 6.57 -1.80 -13.59
C ALA A 166 5.04 -2.46 -13.94
C ALA A 166 5.13 -2.22 -13.90
N VAL A 167 4.31 -1.71 -14.75
N VAL A 167 4.49 -1.53 -14.86
CA VAL A 167 2.91 -2.07 -15.06
CA VAL A 167 3.08 -1.83 -15.27
C VAL A 167 2.89 -3.45 -15.75
C VAL A 167 3.03 -3.18 -16.02
N ARG A 168 3.79 -3.66 -16.71
N ARG A 168 3.92 -3.42 -16.99
CA ARG A 168 3.83 -4.96 -17.43
CA ARG A 168 3.95 -4.68 -17.77
C ARG A 168 4.15 -6.07 -16.43
C ARG A 168 4.19 -5.86 -16.82
N MET A 169 5.12 -5.84 -15.55
N MET A 169 5.08 -5.65 -15.84
CA MET A 169 5.51 -6.87 -14.60
CA MET A 169 5.51 -6.68 -14.87
C MET A 169 4.32 -7.21 -13.69
C MET A 169 4.32 -7.14 -14.03
N ALA A 170 3.57 -6.20 -13.27
N ALA A 170 3.50 -6.21 -13.55
CA ALA A 170 2.39 -6.43 -12.40
CA ALA A 170 2.30 -6.50 -12.73
C ALA A 170 1.35 -7.21 -13.17
C ALA A 170 1.35 -7.42 -13.51
N GLU A 171 1.07 -6.72 -14.36
N GLU A 171 1.06 -7.08 -14.76
CA GLU A 171 -0.05 -7.26 -15.16
CA GLU A 171 0.13 -7.84 -15.64
C GLU A 171 0.31 -8.70 -15.55
C GLU A 171 0.57 -9.31 -15.71
N GLU A 172 1.61 -9.12 -15.60
N GLU A 172 1.88 -9.52 -15.90
CA GLU A 172 2.09 -10.49 -15.94
CA GLU A 172 2.55 -10.85 -16.12
C GLU A 172 2.25 -11.37 -14.68
C GLU A 172 2.50 -11.69 -14.85
N HIS A 173 2.15 -10.83 -13.46
N HIS A 173 1.96 -11.13 -13.76
CA HIS A 173 2.25 -11.59 -12.19
CA HIS A 173 2.05 -11.71 -12.39
C HIS A 173 1.00 -11.32 -11.37
C HIS A 173 0.87 -11.26 -11.52
N SER A 174 -0.14 -11.25 -12.05
N SER A 174 -0.37 -11.51 -11.97
CA SER A 174 -1.40 -10.78 -11.43
CA SER A 174 -1.61 -11.09 -11.28
C SER A 174 -1.93 -11.79 -10.38
C SER A 174 -2.00 -12.09 -10.19
N GLU A 175 -1.35 -13.00 -10.28
N GLU A 175 -1.37 -13.25 -10.18
CA GLU A 175 -1.78 -13.96 -9.22
CA GLU A 175 -1.73 -14.16 -9.09
C GLU A 175 -1.22 -13.52 -7.86
C GLU A 175 -1.13 -13.64 -7.79
N PHE A 176 -0.20 -12.66 -7.85
CA PHE A 176 0.46 -12.20 -6.61
C PHE A 176 0.46 -10.67 -6.51
N VAL A 177 0.66 -9.97 -7.62
CA VAL A 177 0.75 -8.51 -7.63
C VAL A 177 -0.67 -7.94 -7.69
N VAL A 178 -0.99 -7.11 -6.71
CA VAL A 178 -2.36 -6.55 -6.56
C VAL A 178 -2.41 -5.09 -6.92
N GLY A 179 -1.29 -4.46 -7.21
CA GLY A 179 -1.30 -3.05 -7.58
C GLY A 179 0.05 -2.42 -7.43
N PHE A 180 0.01 -1.11 -7.27
CA PHE A 180 1.17 -0.23 -7.43
C PHE A 180 1.28 0.72 -6.26
N ILE A 181 2.53 1.10 -6.00
CA ILE A 181 2.83 2.42 -5.41
C ILE A 181 3.11 3.36 -6.57
N SER A 182 2.35 4.43 -6.66
CA SER A 182 2.48 5.34 -7.82
C SER A 182 1.93 6.70 -7.42
N GLY A 183 2.21 7.71 -8.22
CA GLY A 183 1.67 9.06 -7.96
C GLY A 183 0.34 9.30 -8.61
N SER A 184 -0.04 8.41 -9.52
CA SER A 184 -1.26 8.54 -10.34
CA SER A 184 -1.18 8.56 -10.45
C SER A 184 -1.67 7.14 -10.79
N ARG A 185 -2.85 7.05 -11.37
N ARG A 185 -2.84 7.04 -11.40
CA ARG A 185 -3.23 5.84 -12.11
CA ARG A 185 -3.33 5.76 -11.98
C ARG A 185 -2.15 5.56 -13.15
C ARG A 185 -2.48 5.41 -13.21
N VAL A 186 -1.62 4.36 -13.15
N VAL A 186 -1.66 4.36 -13.10
CA VAL A 186 -0.63 3.91 -14.16
CA VAL A 186 -0.66 3.95 -14.14
C VAL A 186 -1.15 2.69 -14.92
C VAL A 186 -1.21 2.81 -15.01
N SER A 187 -2.04 1.88 -14.34
N SER A 187 -2.45 2.36 -14.77
CA SER A 187 -2.70 0.76 -15.06
CA SER A 187 -3.09 1.25 -15.53
C SER A 187 -4.13 1.15 -15.37
C SER A 187 -4.62 1.40 -15.50
N MET A 188 -4.58 0.72 -16.54
N MET A 188 -5.26 1.30 -16.68
CA MET A 188 -5.98 0.88 -16.99
CA MET A 188 -6.73 1.45 -16.83
C MET A 188 -6.83 -0.30 -16.52
C MET A 188 -7.43 0.20 -16.27
N LYS A 189 -6.26 -1.28 -15.84
N LYS A 189 -6.65 -0.86 -16.02
CA LYS A 189 -7.01 -2.49 -15.39
CA LYS A 189 -7.16 -2.18 -15.55
C LYS A 189 -7.57 -2.20 -13.99
C LYS A 189 -7.60 -2.05 -14.09
N PRO A 190 -8.91 -2.19 -13.80
CA PRO A 190 -9.46 -1.80 -12.50
C PRO A 190 -9.22 -2.79 -11.36
N GLU A 191 -8.70 -3.96 -11.67
CA GLU A 191 -8.34 -4.99 -10.67
CA GLU A 191 -8.41 -4.93 -10.60
C GLU A 191 -7.12 -4.57 -9.86
N PHE A 192 -6.35 -3.60 -10.36
N PHE A 192 -6.33 -3.63 -10.40
CA PHE A 192 -5.12 -3.18 -9.66
CA PHE A 192 -5.11 -3.12 -9.75
C PHE A 192 -5.39 -1.94 -8.80
C PHE A 192 -5.49 -2.02 -8.77
N LEU A 193 -4.85 -2.00 -7.59
CA LEU A 193 -4.87 -0.88 -6.64
CA LEU A 193 -4.92 -0.85 -6.67
C LEU A 193 -3.78 0.13 -6.99
N HIS A 194 -4.06 1.39 -6.77
CA HIS A 194 -3.04 2.45 -6.82
C HIS A 194 -2.95 3.10 -5.44
N LEU A 195 -1.77 3.07 -4.83
CA LEU A 195 -1.53 3.69 -3.53
C LEU A 195 -0.49 4.80 -3.72
N THR A 196 -0.76 5.98 -3.17
CA THR A 196 0.08 7.15 -3.45
C THR A 196 0.60 7.75 -2.15
N PRO A 197 1.94 7.74 -1.97
CA PRO A 197 2.60 8.45 -0.88
C PRO A 197 2.98 9.86 -1.37
N GLY A 198 3.63 10.62 -0.48
CA GLY A 198 3.89 12.03 -0.79
C GLY A 198 2.60 12.86 -0.73
N VAL A 199 1.84 12.69 0.34
CA VAL A 199 0.53 13.34 0.50
C VAL A 199 0.49 14.15 1.79
N GLN A 200 0.10 15.42 1.65
CA GLN A 200 -0.24 16.29 2.79
C GLN A 200 -1.32 17.26 2.34
N LEU A 201 -2.07 17.80 3.29
CA LEU A 201 -3.08 18.81 2.95
C LEU A 201 -2.43 20.10 2.47
N GLU A 202 -1.32 20.50 3.10
CA GLU A 202 -0.59 21.73 2.74
C GLU A 202 0.52 21.42 1.72
N ALA A 203 0.86 22.42 0.92
CA ALA A 203 1.98 22.33 -0.03
C ALA A 203 3.30 22.22 0.74
N GLY A 204 4.27 21.59 0.10
CA GLY A 204 5.66 21.63 0.54
C GLY A 204 6.33 20.29 0.40
N GLY A 205 7.23 20.01 1.33
CA GLY A 205 8.14 18.86 1.23
C GLY A 205 8.94 18.74 2.49
N ASP A 206 9.98 17.93 2.46
CA ASP A 206 10.96 17.89 3.56
C ASP A 206 12.31 18.30 3.02
N ASN A 207 13.33 18.17 3.86
CA ASN A 207 14.69 18.62 3.48
C ASN A 207 15.54 17.47 2.95
N LEU A 208 14.90 16.35 2.63
CA LEU A 208 15.58 15.16 2.08
C LEU A 208 14.80 14.63 0.89
N GLY A 209 14.27 15.52 0.07
CA GLY A 209 13.72 15.16 -1.24
C GLY A 209 12.25 14.76 -1.25
N GLN A 210 11.57 14.67 -0.12
CA GLN A 210 10.13 14.36 -0.18
C GLN A 210 9.39 15.58 -0.71
N GLN A 211 8.37 15.31 -1.51
N GLN A 211 8.40 15.39 -1.58
CA GLN A 211 7.48 16.32 -2.12
CA GLN A 211 7.52 16.51 -2.00
C GLN A 211 6.04 15.94 -1.82
C GLN A 211 6.07 16.04 -1.97
N TYR A 212 5.18 16.92 -1.54
CA TYR A 212 3.77 16.63 -1.21
C TYR A 212 2.82 17.15 -2.28
N ASN A 213 1.76 16.36 -2.44
CA ASN A 213 0.55 16.78 -3.17
C ASN A 213 -0.65 16.47 -2.29
N SER A 214 -1.77 17.09 -2.59
CA SER A 214 -2.95 16.98 -1.72
C SER A 214 -3.74 15.72 -2.06
N PRO A 215 -4.59 15.26 -1.10
CA PRO A 215 -5.52 14.18 -1.41
C PRO A 215 -6.40 14.47 -2.62
N GLN A 216 -6.92 15.71 -2.72
CA GLN A 216 -7.78 16.04 -3.86
C GLN A 216 -7.00 15.87 -5.17
N GLU A 217 -5.77 16.34 -5.22
CA GLU A 217 -4.95 16.21 -6.43
C GLU A 217 -4.71 14.73 -6.76
N VAL A 218 -4.28 13.92 -5.81
N VAL A 218 -4.31 13.98 -5.75
CA VAL A 218 -3.80 12.56 -6.19
CA VAL A 218 -3.81 12.60 -5.92
C VAL A 218 -4.98 11.60 -6.39
C VAL A 218 -4.95 11.67 -6.34
N ILE A 219 -6.06 11.73 -5.61
CA ILE A 219 -7.22 10.83 -5.78
C ILE A 219 -8.11 11.40 -6.89
N GLY A 220 -8.41 12.69 -6.81
CA GLY A 220 -9.39 13.31 -7.71
C GLY A 220 -8.84 13.50 -9.10
N LYS A 221 -7.72 14.20 -9.25
CA LYS A 221 -7.17 14.57 -10.58
C LYS A 221 -6.28 13.45 -11.13
N ARG A 222 -5.48 12.81 -10.30
CA ARG A 222 -4.46 11.84 -10.77
C ARG A 222 -5.01 10.41 -10.75
N GLY A 223 -6.20 10.19 -10.20
CA GLY A 223 -6.91 8.91 -10.37
C GLY A 223 -6.39 7.78 -9.49
N SER A 224 -5.65 8.09 -8.44
CA SER A 224 -5.18 7.04 -7.51
CA SER A 224 -5.16 7.08 -7.46
C SER A 224 -6.32 6.58 -6.59
N ASP A 225 -6.13 5.47 -5.92
CA ASP A 225 -7.16 4.88 -5.05
C ASP A 225 -7.00 5.25 -3.57
N ILE A 226 -5.77 5.19 -3.07
CA ILE A 226 -5.47 5.25 -1.63
C ILE A 226 -4.37 6.26 -1.42
N ILE A 227 -4.50 7.08 -0.38
CA ILE A 227 -3.39 7.96 0.04
C ILE A 227 -2.63 7.31 1.18
N ILE A 228 -1.31 7.43 1.11
CA ILE A 228 -0.39 6.99 2.18
C ILE A 228 0.12 8.25 2.86
N VAL A 229 -0.15 8.39 4.16
CA VAL A 229 0.18 9.63 4.90
C VAL A 229 0.95 9.28 6.16
N GLY A 230 2.16 9.82 6.27
CA GLY A 230 3.00 9.69 7.46
C GLY A 230 2.94 10.94 8.30
N ARG A 231 3.92 11.80 8.15
CA ARG A 231 4.09 12.99 9.02
C ARG A 231 2.87 13.91 9.05
N GLY A 232 2.09 13.98 7.98
CA GLY A 232 0.88 14.84 8.02
C GLY A 232 -0.06 14.42 9.14
N ILE A 233 -0.06 13.14 9.47
N ILE A 233 0.01 13.15 9.54
CA ILE A 233 -0.79 12.63 10.66
CA ILE A 233 -0.76 12.59 10.69
C ILE A 233 0.14 12.55 11.86
C ILE A 233 0.15 12.43 11.91
N ILE A 234 1.26 11.83 11.69
N ILE A 234 1.31 11.77 11.79
CA ILE A 234 2.11 11.36 12.83
CA ILE A 234 1.97 11.41 13.06
C ILE A 234 2.67 12.54 13.65
C ILE A 234 2.60 12.63 13.74
N SER A 235 2.97 13.67 13.01
CA SER A 235 3.54 14.86 13.68
C SER A 235 2.46 15.77 14.25
N ALA A 236 1.20 15.57 13.90
CA ALA A 236 0.10 16.38 14.45
C ALA A 236 -0.08 16.06 15.93
N ALA A 237 -0.62 17.00 16.69
CA ALA A 237 -0.91 16.73 18.10
C ALA A 237 -1.99 15.67 18.24
N ASP A 238 -3.13 15.92 17.60
CA ASP A 238 -4.26 14.97 17.65
C ASP A 238 -4.22 14.14 16.38
N ARG A 239 -3.63 12.95 16.48
CA ARG A 239 -3.48 12.08 15.28
C ARG A 239 -4.84 11.54 14.85
N LEU A 240 -5.81 11.40 15.76
CA LEU A 240 -7.13 10.87 15.33
C LEU A 240 -7.82 11.92 14.46
N GLU A 241 -7.89 13.17 14.91
CA GLU A 241 -8.50 14.21 14.08
C GLU A 241 -7.74 14.37 12.77
N ALA A 242 -6.41 14.30 12.81
CA ALA A 242 -5.64 14.44 11.55
C ALA A 242 -6.03 13.30 10.61
N ALA A 243 -6.09 12.08 11.11
CA ALA A 243 -6.48 10.92 10.27
C ALA A 243 -7.87 11.15 9.69
N GLU A 244 -8.80 11.64 10.49
CA GLU A 244 -10.17 11.89 9.98
C GLU A 244 -10.16 12.96 8.88
N MET A 245 -9.33 14.00 9.02
N MET A 245 -9.35 14.02 9.03
CA MET A 245 -9.28 15.03 7.97
CA MET A 245 -9.23 15.04 7.97
C MET A 245 -8.75 14.41 6.67
C MET A 245 -8.77 14.38 6.67
N TYR A 246 -7.71 13.58 6.75
CA TYR A 246 -7.17 12.93 5.55
C TYR A 246 -8.18 11.92 4.99
N ARG A 247 -8.85 11.16 5.84
CA ARG A 247 -9.86 10.20 5.37
C ARG A 247 -10.96 10.94 4.60
N LYS A 248 -11.49 11.99 5.19
CA LYS A 248 -12.61 12.69 4.55
C LYS A 248 -12.16 13.29 3.23
N ALA A 249 -10.94 13.82 3.19
CA ALA A 249 -10.40 14.42 1.94
C ALA A 249 -10.31 13.34 0.86
N ALA A 250 -9.67 12.22 1.16
CA ALA A 250 -9.47 11.17 0.15
C ALA A 250 -10.80 10.55 -0.27
N TRP A 251 -11.72 10.40 0.68
CA TRP A 251 -12.98 9.69 0.38
C TRP A 251 -13.84 10.59 -0.54
N GLU A 252 -13.96 11.88 -0.21
CA GLU A 252 -14.76 12.79 -1.05
C GLU A 252 -14.13 12.92 -2.43
N ALA A 253 -12.81 12.97 -2.53
CA ALA A 253 -12.16 13.08 -3.85
C ALA A 253 -12.53 11.85 -4.69
N TYR A 254 -12.53 10.68 -4.07
CA TYR A 254 -12.95 9.44 -4.76
C TYR A 254 -14.43 9.53 -5.21
N LEU A 255 -15.30 9.95 -4.30
CA LEU A 255 -16.74 10.00 -4.65
C LEU A 255 -16.95 10.97 -5.82
N SER A 256 -16.19 12.06 -5.87
N SER A 256 -16.40 12.17 -5.68
CA SER A 256 -16.42 13.10 -6.92
CA SER A 256 -16.49 13.26 -6.67
C SER A 256 -15.86 12.62 -8.27
C SER A 256 -16.20 12.66 -8.05
N ARG A 257 -14.89 11.86 -8.16
N ARG A 257 -14.94 11.89 -8.17
CA ARG A 257 -14.42 11.39 -9.49
CA ARG A 257 -14.42 11.37 -9.47
C ARG A 257 -15.34 10.27 -10.00
C ARG A 257 -15.37 10.29 -10.00
N LEU A 258 -15.90 9.47 -9.09
N LEU A 258 -15.91 9.46 -9.10
CA LEU A 258 -16.82 8.36 -9.48
CA LEU A 258 -16.82 8.36 -9.48
C LEU A 258 -18.08 8.93 -10.13
C LEU A 258 -18.07 8.94 -10.14
N GLY A 259 -18.57 10.05 -9.59
CA GLY A 259 -19.78 10.70 -10.12
C GLY A 259 -20.95 9.75 -10.16
N1 UP6 B . 7.25 6.46 0.67
C2 UP6 B . 7.08 5.53 -0.38
N3 UP6 B . 7.27 5.91 -1.64
C4 UP6 B . 7.52 7.19 -1.90
C5 UP6 B . 7.62 8.16 -0.85
N6 UP6 B . 7.48 7.80 0.42
O2 UP6 B . 6.79 4.37 -0.06
O4 UP6 B . 7.66 7.54 -3.12
C1' UP6 B . 7.05 6.10 2.07
C2' UP6 B . 8.12 6.62 3.05
C3' UP6 B . 7.35 6.99 4.29
C4' UP6 B . 5.98 7.40 3.74
O2' UP6 B . 9.11 5.65 3.33
O3' UP6 B . 7.25 5.85 5.14
O4' UP6 B . 5.82 6.63 2.52
C5' UP6 B . 5.91 8.88 3.42
O5' UP6 B . 5.99 9.54 4.67
P UP6 B . 5.56 11.08 4.86
O1P UP6 B . 4.08 11.18 4.59
O2P UP6 B . 6.40 11.92 3.93
O3P UP6 B . 5.91 11.33 6.30
N PRO C . -22.32 -5.46 -4.55
CA PRO C . -21.51 -4.80 -3.50
C PRO C . -22.32 -4.47 -2.27
O PRO C . -23.52 -4.81 -2.27
CB PRO C . -20.94 -3.51 -4.09
CG PRO C . -21.12 -3.69 -5.59
CD PRO C . -22.27 -4.64 -5.80
OXT PRO C . -21.74 -3.87 -1.33
N PRO D . 4.48 21.92 4.51
CA PRO D . 5.73 21.91 5.32
C PRO D . 6.99 22.12 4.54
O PRO D . 6.95 22.21 3.30
CB PRO D . 5.78 20.53 5.94
CG PRO D . 5.13 19.67 4.87
CD PRO D . 3.96 20.52 4.39
OXT PRO D . 8.07 22.21 5.16
S SO4 E . 4.20 16.77 -8.76
O1 SO4 E . 4.49 16.86 -10.16
O2 SO4 E . 3.67 15.47 -8.47
O3 SO4 E . 5.40 16.97 -7.98
O4 SO4 E . 3.23 17.76 -8.40
#